data_2OBM
#
_entry.id   2OBM
#
_cell.length_a   84.131
_cell.length_b   78.690
_cell.length_c   53.070
_cell.angle_alpha   90.00
_cell.angle_beta   90.00
_cell.angle_gamma   90.00
#
_symmetry.space_group_name_H-M   'P 21 21 2'
#
loop_
_entity.id
_entity.type
_entity.pdbx_description
1 polymer EscN
2 non-polymer 'CALCIUM ION'
3 non-polymer "ADENOSINE-5'-DIPHOSPHATE"
4 water water
#
_entity_poly.entity_id   1
_entity_poly.type   'polypeptide(L)'
_entity_poly.pdbx_seq_one_letter_code
;GSHKIRVGDALLGRLIDGIGRPMESNIVAPYLPFERSLYAEPPDPLLRQVIDQPFILGVRAIDGLLTCGIGQRIGIFAGS
GVGKSTLLGMICNGASADIIVLALIGERGREVNEFLALLPQSTLSKCVLVVTTSDRPALERMKAAFTATTIAEYFRDQGK
NVLLMMDSVTRYARAARDVGLASGEPDVRGGFPPSVFSSLPKLLERAGPAPKGSITAIYTVLLESDNVNDPIGDEVRSIL
DGHIVLTRELAEENHFPAIDIGLSASRVMHNVVTSEHLRAAAECKKLIATYKNPELLIRIGEYTMGQDPEADKAIKNRKL
IQNFIQQSTKDISSYEKTIESLFKVVA
;
_entity_poly.pdbx_strand_id   A
#
# COMPACT_ATOMS: atom_id res chain seq x y z
N HIS A 3 22.51 -14.37 7.53
CA HIS A 3 21.97 -14.76 6.19
C HIS A 3 22.31 -13.71 5.15
N LYS A 4 22.96 -14.15 4.07
CA LYS A 4 23.24 -13.29 2.93
C LYS A 4 22.51 -13.83 1.70
N ILE A 5 21.97 -12.93 0.88
CA ILE A 5 21.28 -13.34 -0.32
C ILE A 5 22.00 -12.81 -1.54
N ARG A 6 21.79 -13.43 -2.71
CA ARG A 6 22.41 -12.96 -3.95
C ARG A 6 21.47 -12.04 -4.74
N VAL A 7 21.98 -10.89 -5.16
CA VAL A 7 21.19 -9.87 -5.82
C VAL A 7 21.87 -9.33 -7.08
N GLY A 8 21.11 -8.60 -7.89
CA GLY A 8 21.62 -8.07 -9.15
C GLY A 8 20.45 -7.60 -9.98
N ASP A 9 20.74 -6.91 -11.08
CA ASP A 9 19.71 -6.41 -11.98
C ASP A 9 18.91 -7.57 -12.59
N ALA A 10 19.51 -8.75 -12.63
CA ALA A 10 18.88 -9.90 -13.27
C ALA A 10 17.66 -10.44 -12.49
N LEU A 11 17.39 -9.86 -11.33
CA LEU A 11 16.23 -10.17 -10.48
C LEU A 11 14.93 -9.61 -11.03
N LEU A 12 15.05 -8.60 -11.88
CA LEU A 12 13.90 -7.97 -12.48
C LEU A 12 13.14 -8.95 -13.33
N GLY A 13 11.81 -8.85 -13.29
CA GLY A 13 10.92 -9.75 -14.02
C GLY A 13 10.88 -11.18 -13.49
N ARG A 14 11.49 -11.43 -12.33
CA ARG A 14 11.63 -12.80 -11.82
C ARG A 14 10.81 -13.10 -10.58
N LEU A 15 10.33 -14.34 -10.51
CA LEU A 15 9.69 -14.87 -9.31
C LEU A 15 10.76 -15.50 -8.43
N ILE A 16 10.78 -15.06 -7.18
CA ILE A 16 11.92 -15.20 -6.29
C ILE A 16 11.38 -15.72 -4.96
N ASP A 17 12.01 -16.73 -4.37
CA ASP A 17 11.51 -17.24 -3.10
C ASP A 17 11.89 -16.35 -1.92
N GLY A 18 11.52 -16.78 -0.70
CA GLY A 18 11.66 -15.95 0.49
C GLY A 18 13.09 -15.62 0.87
N ILE A 19 14.03 -16.39 0.33
CA ILE A 19 15.45 -16.14 0.54
C ILE A 19 16.15 -15.69 -0.74
N GLY A 20 15.36 -15.28 -1.73
CA GLY A 20 15.89 -14.61 -2.91
C GLY A 20 16.28 -15.47 -4.11
N ARG A 21 15.99 -16.77 -4.04
CA ARG A 21 16.36 -17.70 -5.10
C ARG A 21 15.26 -17.86 -6.16
N PRO A 22 15.64 -17.73 -7.44
CA PRO A 22 14.75 -17.92 -8.57
C PRO A 22 13.95 -19.20 -8.44
N MET A 23 12.67 -19.10 -8.74
CA MET A 23 11.74 -20.22 -8.61
C MET A 23 11.28 -20.75 -9.97
N GLU A 24 11.59 -20.01 -11.04
CA GLU A 24 11.13 -20.40 -12.37
C GLU A 24 12.05 -21.43 -13.01
N SER A 25 11.59 -22.06 -14.09
CA SER A 25 12.21 -23.29 -14.60
C SER A 25 13.32 -23.10 -15.64
N ASN A 26 13.96 -21.96 -15.65
CA ASN A 26 15.03 -21.70 -16.62
C ASN A 26 16.29 -22.54 -16.49
N ILE A 27 16.76 -23.06 -17.61
CA ILE A 27 17.96 -23.88 -17.63
C ILE A 27 19.20 -22.99 -17.56
N VAL A 28 19.11 -21.76 -18.06
CA VAL A 28 20.17 -20.78 -17.81
C VAL A 28 19.84 -19.92 -16.57
N ALA A 29 20.74 -19.93 -15.60
CA ALA A 29 20.55 -19.18 -14.36
C ALA A 29 20.86 -17.69 -14.53
N PRO A 30 20.11 -16.82 -13.82
CA PRO A 30 20.46 -15.42 -13.88
C PRO A 30 21.82 -15.11 -13.25
N TYR A 31 22.49 -14.09 -13.76
CA TYR A 31 23.72 -13.59 -13.17
C TYR A 31 23.38 -12.72 -11.96
N LEU A 32 23.68 -13.23 -10.76
CA LEU A 32 23.51 -12.47 -9.53
C LEU A 32 24.84 -12.47 -8.81
N PRO A 33 25.72 -11.50 -9.14
CA PRO A 33 27.11 -11.52 -8.71
C PRO A 33 27.39 -10.98 -7.32
N PHE A 34 26.39 -10.35 -6.68
CA PHE A 34 26.56 -9.70 -5.37
C PHE A 34 25.84 -10.42 -4.24
N GLU A 35 26.51 -10.49 -3.10
CA GLU A 35 25.88 -10.89 -1.86
C GLU A 35 25.59 -9.67 -1.01
N ARG A 36 24.45 -9.70 -0.33
CA ARG A 36 24.10 -8.68 0.63
C ARG A 36 23.46 -9.38 1.81
N SER A 37 23.80 -8.93 3.02
CA SER A 37 23.11 -9.40 4.22
C SER A 37 21.63 -9.00 4.24
N LEU A 38 20.81 -9.84 4.88
CA LEU A 38 19.38 -9.55 5.09
C LEU A 38 19.12 -8.47 6.12
N TYR A 39 20.06 -8.28 7.05
CA TYR A 39 19.89 -7.34 8.14
C TYR A 39 20.65 -6.05 7.87
N ALA A 40 20.04 -4.93 8.23
CA ALA A 40 20.63 -3.62 8.01
C ALA A 40 20.51 -2.77 9.26
N GLU A 41 21.63 -2.58 9.95
CA GLU A 41 21.67 -1.69 11.10
C GLU A 41 21.24 -0.30 10.67
N PRO A 42 20.65 0.47 11.58
CA PRO A 42 19.98 1.72 11.21
C PRO A 42 20.92 2.69 10.51
N PRO A 43 20.37 3.61 9.70
CA PRO A 43 21.17 4.63 9.04
C PRO A 43 21.80 5.57 10.06
N ARG A 48 19.68 11.81 7.60
CA ARG A 48 18.21 11.71 7.66
C ARG A 48 17.56 12.77 6.75
N GLN A 49 16.62 12.33 5.92
CA GLN A 49 15.97 13.22 4.97
C GLN A 49 14.51 13.46 5.30
N VAL A 50 13.96 14.51 4.70
CA VAL A 50 12.56 14.85 4.85
C VAL A 50 11.82 14.42 3.59
N ILE A 51 10.51 14.26 3.73
CA ILE A 51 9.63 13.91 2.62
C ILE A 51 9.01 15.18 2.05
N ASP A 52 9.32 15.49 0.80
CA ASP A 52 8.85 16.75 0.22
C ASP A 52 8.47 16.63 -1.24
N GLN A 53 8.47 15.41 -1.75
N GLN A 53 8.48 15.41 -1.77
CA GLN A 53 8.07 15.13 -3.13
CA GLN A 53 8.05 15.18 -3.14
C GLN A 53 6.86 14.20 -3.16
C GLN A 53 6.87 14.21 -3.17
N PRO A 54 5.85 14.50 -3.99
CA PRO A 54 4.71 13.59 -4.14
C PRO A 54 5.06 12.28 -4.85
N PHE A 55 4.59 11.16 -4.31
CA PHE A 55 4.71 9.86 -4.99
C PHE A 55 3.35 9.52 -5.55
N ILE A 56 3.28 9.40 -6.87
CA ILE A 56 2.02 9.22 -7.57
C ILE A 56 1.72 7.73 -7.72
N LEU A 57 0.52 7.32 -7.31
CA LEU A 57 0.08 5.91 -7.43
C LEU A 57 -0.78 5.71 -8.67
N GLY A 58 -1.39 6.79 -9.15
CA GLY A 58 -2.26 6.71 -10.31
C GLY A 58 -3.67 6.33 -9.92
N VAL A 59 -3.93 6.32 -8.61
CA VAL A 59 -5.27 6.11 -8.08
C VAL A 59 -5.82 7.45 -7.67
N ARG A 60 -6.92 7.89 -8.29
CA ARG A 60 -7.44 9.26 -8.08
C ARG A 60 -7.72 9.62 -6.63
N ALA A 61 -8.49 8.76 -5.93
CA ALA A 61 -8.86 8.99 -4.53
C ALA A 61 -7.65 9.27 -3.68
N ILE A 62 -6.55 8.58 -3.95
CA ILE A 62 -5.36 8.74 -3.13
C ILE A 62 -4.49 9.89 -3.57
N ASP A 63 -4.14 9.93 -4.85
CA ASP A 63 -3.31 10.99 -5.37
C ASP A 63 -4.02 12.35 -5.16
N GLY A 64 -5.33 12.34 -5.33
CA GLY A 64 -6.14 13.56 -5.14
C GLY A 64 -6.32 14.00 -3.69
N LEU A 65 -6.61 13.05 -2.80
CA LEU A 65 -7.13 13.37 -1.45
C LEU A 65 -6.25 12.95 -0.28
N LEU A 66 -5.27 12.09 -0.54
CA LEU A 66 -4.49 11.45 0.51
C LEU A 66 -3.10 11.26 -0.04
N THR A 67 -2.56 12.32 -0.61
CA THR A 67 -1.36 12.27 -1.47
C THR A 67 -0.15 11.70 -0.77
N CYS A 68 0.51 10.76 -1.45
CA CYS A 68 1.71 10.11 -0.91
C CYS A 68 2.96 10.92 -1.20
N GLY A 69 4.02 10.61 -0.44
CA GLY A 69 5.30 11.27 -0.64
C GLY A 69 6.41 10.27 -0.89
N ILE A 70 7.38 10.67 -1.71
CA ILE A 70 8.53 9.79 -1.96
C ILE A 70 9.22 9.51 -0.63
N GLY A 71 9.38 8.23 -0.31
CA GLY A 71 10.02 7.78 0.92
C GLY A 71 9.07 7.50 2.09
N GLN A 72 7.79 7.71 1.87
CA GLN A 72 6.78 7.50 2.91
C GLN A 72 6.57 6.02 3.24
N ARG A 73 6.13 5.74 4.46
CA ARG A 73 5.65 4.42 4.82
C ARG A 73 4.14 4.49 4.89
N ILE A 74 3.46 3.67 4.08
CA ILE A 74 2.00 3.73 3.93
C ILE A 74 1.40 2.41 4.30
N GLY A 75 0.33 2.44 5.08
CA GLY A 75 -0.39 1.22 5.43
C GLY A 75 -1.70 1.10 4.69
N ILE A 76 -1.97 -0.09 4.14
CA ILE A 76 -3.31 -0.39 3.66
C ILE A 76 -3.98 -1.42 4.55
N PHE A 77 -5.05 -0.99 5.23
CA PHE A 77 -5.83 -1.85 6.13
C PHE A 77 -7.07 -2.35 5.40
N ALA A 78 -7.18 -3.66 5.24
CA ALA A 78 -8.31 -4.24 4.53
C ALA A 78 -8.66 -5.61 5.09
N GLY A 79 -9.95 -5.87 5.26
CA GLY A 79 -10.40 -7.22 5.54
C GLY A 79 -10.47 -8.04 4.27
N SER A 80 -11.03 -9.24 4.36
CA SER A 80 -11.23 -10.11 3.21
C SER A 80 -12.30 -9.55 2.30
N GLY A 81 -12.14 -9.76 0.99
CA GLY A 81 -13.20 -9.42 0.03
C GLY A 81 -13.61 -7.96 -0.09
N VAL A 82 -12.64 -7.04 -0.02
CA VAL A 82 -12.92 -5.63 -0.21
C VAL A 82 -12.08 -5.00 -1.33
N GLY A 83 -11.56 -5.83 -2.22
CA GLY A 83 -10.75 -5.37 -3.35
C GLY A 83 -9.28 -5.05 -3.08
N LYS A 84 -8.73 -5.55 -1.98
CA LYS A 84 -7.34 -5.25 -1.63
C LYS A 84 -6.42 -5.51 -2.81
N SER A 85 -6.49 -6.72 -3.36
CA SER A 85 -5.63 -7.14 -4.46
C SER A 85 -5.76 -6.28 -5.70
N THR A 86 -6.99 -5.99 -6.09
CA THR A 86 -7.26 -5.12 -7.22
C THR A 86 -6.62 -3.74 -6.99
N LEU A 87 -6.81 -3.16 -5.80
CA LEU A 87 -6.18 -1.89 -5.49
C LEU A 87 -4.67 -2.00 -5.64
N LEU A 88 -4.08 -3.05 -5.08
CA LEU A 88 -2.64 -3.23 -5.16
C LEU A 88 -2.19 -3.38 -6.62
N GLY A 89 -2.98 -4.06 -7.46
CA GLY A 89 -2.63 -4.19 -8.87
C GLY A 89 -2.62 -2.83 -9.55
N MET A 90 -3.67 -2.06 -9.31
CA MET A 90 -3.77 -0.70 -9.83
C MET A 90 -2.57 0.17 -9.49
N ILE A 91 -2.11 0.07 -8.24
CA ILE A 91 -0.96 0.84 -7.79
C ILE A 91 0.32 0.42 -8.51
N CYS A 92 0.51 -0.88 -8.69
CA CYS A 92 1.69 -1.37 -9.42
C CYS A 92 1.69 -0.87 -10.87
N ASN A 93 0.52 -0.93 -11.50
CA ASN A 93 0.34 -0.55 -12.89
C ASN A 93 0.37 0.96 -13.09
N GLY A 94 0.11 1.71 -12.03
CA GLY A 94 -0.05 3.15 -12.18
C GLY A 94 1.00 4.02 -11.51
N ALA A 95 1.78 3.44 -10.62
CA ALA A 95 2.69 4.22 -9.79
C ALA A 95 3.90 4.74 -10.54
N SER A 96 4.41 5.90 -10.11
CA SER A 96 5.62 6.48 -10.67
C SER A 96 6.86 5.92 -10.01
N ALA A 97 7.10 4.63 -10.18
CA ALA A 97 8.29 4.01 -9.62
C ALA A 97 9.16 3.47 -10.74
N ASP A 98 10.49 3.56 -10.61
CA ASP A 98 11.39 2.93 -11.56
C ASP A 98 11.34 1.42 -11.41
N ILE A 99 11.33 0.98 -10.15
CA ILE A 99 11.36 -0.44 -9.79
C ILE A 99 10.30 -0.74 -8.71
N ILE A 100 9.61 -1.88 -8.84
CA ILE A 100 8.73 -2.37 -7.77
C ILE A 100 9.27 -3.70 -7.23
N VAL A 101 9.48 -3.76 -5.92
CA VAL A 101 9.76 -5.03 -5.25
C VAL A 101 8.52 -5.43 -4.43
N LEU A 102 7.99 -6.60 -4.75
CA LEU A 102 6.78 -7.09 -4.13
C LEU A 102 7.16 -8.22 -3.20
N ALA A 103 6.53 -8.25 -2.03
CA ALA A 103 6.63 -9.40 -1.17
C ALA A 103 5.22 -9.90 -1.00
N LEU A 104 4.92 -11.07 -1.59
CA LEU A 104 3.62 -11.71 -1.42
C LEU A 104 3.76 -12.87 -0.43
N ILE A 105 3.29 -12.65 0.78
CA ILE A 105 3.58 -13.54 1.89
C ILE A 105 2.34 -14.17 2.56
N GLY A 106 2.31 -15.49 2.62
CA GLY A 106 1.34 -16.20 3.45
C GLY A 106 0.02 -16.63 2.81
N GLU A 107 -0.21 -16.21 1.57
CA GLU A 107 -1.43 -16.55 0.83
C GLU A 107 -1.26 -17.88 0.07
N ARG A 108 -2.37 -18.48 -0.33
CA ARG A 108 -2.30 -19.71 -1.11
C ARG A 108 -1.94 -19.36 -2.55
N GLY A 109 -1.42 -20.33 -3.26
CA GLY A 109 -0.97 -20.14 -4.62
C GLY A 109 -2.03 -19.63 -5.57
N ARG A 110 -3.31 -19.88 -5.28
CA ARG A 110 -4.40 -19.40 -6.11
C ARG A 110 -4.48 -17.89 -6.06
N GLU A 111 -4.46 -17.34 -4.85
CA GLU A 111 -4.59 -15.90 -4.61
C GLU A 111 -3.40 -15.13 -5.16
N VAL A 112 -2.23 -15.75 -5.16
CA VAL A 112 -1.04 -15.15 -5.75
C VAL A 112 -1.24 -15.00 -7.25
N ASN A 113 -1.62 -16.10 -7.90
CA ASN A 113 -1.83 -16.07 -9.35
C ASN A 113 -2.92 -15.09 -9.79
N GLU A 114 -3.98 -14.97 -8.99
CA GLU A 114 -5.03 -13.99 -9.28
C GLU A 114 -4.54 -12.56 -9.22
N PHE A 115 -3.61 -12.29 -8.31
CA PHE A 115 -3.00 -10.96 -8.22
C PHE A 115 -2.07 -10.70 -9.41
N LEU A 116 -1.23 -11.67 -9.72
CA LEU A 116 -0.30 -11.59 -10.86
C LEU A 116 -0.98 -11.32 -12.22
N ALA A 117 -2.16 -11.92 -12.43
CA ALA A 117 -2.91 -11.76 -13.68
C ALA A 117 -3.34 -10.32 -13.88
N LEU A 118 -3.25 -9.51 -12.83
CA LEU A 118 -3.58 -8.09 -12.89
C LEU A 118 -2.45 -7.27 -13.46
N LEU A 119 -1.25 -7.86 -13.48
CA LEU A 119 -0.05 -7.15 -13.90
C LEU A 119 0.33 -7.51 -15.35
N PRO A 120 0.34 -6.51 -16.25
CA PRO A 120 0.76 -6.72 -17.63
C PRO A 120 2.28 -6.79 -17.79
N GLN A 121 2.73 -7.20 -18.97
CA GLN A 121 4.15 -7.44 -19.21
C GLN A 121 5.02 -6.24 -18.87
N SER A 122 4.56 -5.05 -19.25
CA SER A 122 5.33 -3.82 -19.03
C SER A 122 5.58 -3.55 -17.56
N THR A 123 4.64 -3.97 -16.72
CA THR A 123 4.72 -3.82 -15.27
C THR A 123 5.60 -4.91 -14.67
N LEU A 124 5.33 -6.16 -15.02
CA LEU A 124 6.16 -7.28 -14.55
C LEU A 124 7.65 -7.10 -14.84
N SER A 125 7.99 -6.51 -15.97
CA SER A 125 9.39 -6.28 -16.37
C SER A 125 10.14 -5.34 -15.46
N LYS A 126 9.42 -4.68 -14.54
CA LYS A 126 10.08 -3.77 -13.60
C LYS A 126 9.83 -4.18 -12.14
N CYS A 127 9.37 -5.41 -11.96
CA CYS A 127 9.06 -5.96 -10.66
C CYS A 127 10.05 -7.05 -10.29
N VAL A 128 10.47 -7.05 -9.02
CA VAL A 128 10.98 -8.26 -8.39
C VAL A 128 9.85 -8.83 -7.55
N LEU A 129 9.54 -10.09 -7.82
CA LEU A 129 8.43 -10.74 -7.16
C LEU A 129 8.91 -11.77 -6.15
N VAL A 130 8.96 -11.35 -4.89
CA VAL A 130 9.28 -12.23 -3.77
C VAL A 130 7.99 -12.90 -3.26
N VAL A 131 7.88 -14.20 -3.48
CA VAL A 131 6.64 -14.91 -3.21
C VAL A 131 6.87 -16.08 -2.28
N THR A 132 6.14 -16.08 -1.16
CA THR A 132 6.18 -17.19 -0.21
CA THR A 132 6.18 -17.21 -0.24
C THR A 132 4.77 -17.55 0.23
N THR A 133 4.23 -18.62 -0.34
CA THR A 133 2.88 -19.06 -0.04
C THR A 133 2.78 -19.73 1.33
N SER A 134 1.54 -19.92 1.77
CA SER A 134 1.23 -20.39 3.11
C SER A 134 1.82 -21.76 3.47
N ASP A 135 2.13 -22.57 2.47
CA ASP A 135 2.68 -23.91 2.70
C ASP A 135 4.17 -23.87 3.01
N ARG A 136 4.83 -22.75 2.70
CA ARG A 136 6.27 -22.66 2.88
C ARG A 136 6.58 -22.54 4.38
N PRO A 137 7.82 -22.93 4.77
CA PRO A 137 8.18 -22.89 6.18
C PRO A 137 8.12 -21.47 6.72
N ALA A 138 7.74 -21.35 7.99
CA ALA A 138 7.58 -20.06 8.66
C ALA A 138 8.85 -19.23 8.53
N LEU A 139 9.99 -19.90 8.64
CA LEU A 139 11.28 -19.24 8.52
C LEU A 139 11.41 -18.52 7.20
N GLU A 140 10.95 -19.18 6.12
CA GLU A 140 11.02 -18.62 4.77
C GLU A 140 10.02 -17.47 4.62
N ARG A 141 8.83 -17.63 5.19
CA ARG A 141 7.80 -16.59 5.15
C ARG A 141 8.23 -15.35 5.94
N MET A 142 8.96 -15.57 7.03
CA MET A 142 9.54 -14.47 7.79
C MET A 142 10.65 -13.75 7.03
N LYS A 143 11.57 -14.50 6.42
CA LYS A 143 12.71 -13.88 5.76
C LYS A 143 12.32 -13.09 4.54
N ALA A 144 11.20 -13.46 3.94
CA ALA A 144 10.70 -12.80 2.73
C ALA A 144 10.64 -11.28 2.86
N ALA A 145 10.26 -10.79 4.04
CA ALA A 145 10.14 -9.35 4.29
C ALA A 145 11.50 -8.65 4.28
N PHE A 146 12.50 -9.34 4.79
CA PHE A 146 13.88 -8.86 4.78
C PHE A 146 14.50 -8.94 3.39
N THR A 147 14.28 -10.06 2.71
CA THR A 147 14.80 -10.28 1.37
C THR A 147 14.29 -9.18 0.47
N ALA A 148 12.99 -8.90 0.55
CA ALA A 148 12.36 -7.87 -0.29
C ALA A 148 12.88 -6.47 -0.01
N THR A 149 13.03 -6.14 1.27
CA THR A 149 13.58 -4.85 1.68
C THR A 149 15.05 -4.67 1.26
N THR A 150 15.84 -5.73 1.41
CA THR A 150 17.26 -5.71 0.94
C THR A 150 17.36 -5.49 -0.56
N ILE A 151 16.49 -6.17 -1.32
CA ILE A 151 16.46 -6.01 -2.76
C ILE A 151 16.06 -4.60 -3.17
N ALA A 152 15.11 -4.01 -2.43
CA ALA A 152 14.73 -2.62 -2.66
C ALA A 152 15.89 -1.69 -2.35
N GLU A 153 16.59 -1.94 -1.25
CA GLU A 153 17.84 -1.21 -0.93
C GLU A 153 18.84 -1.31 -2.06
N TYR A 154 19.04 -2.53 -2.58
CA TYR A 154 19.96 -2.70 -3.71
C TYR A 154 19.65 -1.77 -4.88
N PHE A 155 18.37 -1.71 -5.29
CA PHE A 155 17.96 -0.90 -6.44
C PHE A 155 17.90 0.60 -6.11
N ARG A 156 17.58 0.94 -4.86
CA ARG A 156 17.67 2.31 -4.40
C ARG A 156 19.13 2.80 -4.58
N ASP A 157 20.07 1.93 -4.23
CA ASP A 157 21.48 2.28 -4.27
C ASP A 157 22.00 2.47 -5.71
N GLN A 158 21.16 2.14 -6.69
CA GLN A 158 21.48 2.35 -8.10
C GLN A 158 20.89 3.65 -8.62
N GLY A 159 20.31 4.44 -7.71
CA GLY A 159 19.60 5.67 -8.08
C GLY A 159 18.13 5.47 -8.47
N LYS A 160 17.58 4.28 -8.19
CA LYS A 160 16.19 3.99 -8.56
C LYS A 160 15.19 4.53 -7.53
N ASN A 161 14.07 5.03 -8.03
CA ASN A 161 12.95 5.33 -7.16
C ASN A 161 12.15 4.06 -7.03
N VAL A 162 12.28 3.41 -5.89
CA VAL A 162 11.75 2.08 -5.67
C VAL A 162 10.43 2.08 -4.90
N LEU A 163 9.48 1.26 -5.34
CA LEU A 163 8.30 1.04 -4.54
C LEU A 163 8.41 -0.35 -3.93
N LEU A 164 8.42 -0.41 -2.62
CA LEU A 164 8.39 -1.67 -1.89
C LEU A 164 6.95 -1.94 -1.47
N MET A 165 6.40 -3.08 -1.89
CA MET A 165 5.03 -3.41 -1.58
C MET A 165 4.96 -4.74 -0.84
N MET A 166 4.54 -4.71 0.41
CA MET A 166 4.53 -5.92 1.21
C MET A 166 3.10 -6.34 1.60
N ASP A 167 2.64 -7.41 0.97
CA ASP A 167 1.33 -7.98 1.19
C ASP A 167 1.49 -9.40 1.79
N SER A 168 1.51 -9.55 3.11
CA SER A 168 1.16 -8.50 4.07
C SER A 168 2.11 -8.46 5.25
N VAL A 169 2.11 -7.35 5.99
CA VAL A 169 2.91 -7.31 7.23
C VAL A 169 2.26 -8.21 8.29
N THR A 170 0.94 -8.29 8.25
CA THR A 170 0.19 -9.20 9.10
C THR A 170 0.72 -10.66 9.05
N ARG A 171 0.96 -11.17 7.84
CA ARG A 171 1.35 -12.55 7.69
C ARG A 171 2.86 -12.74 7.80
N TYR A 172 3.63 -11.70 7.48
CA TYR A 172 5.02 -11.66 7.92
C TYR A 172 5.11 -11.89 9.45
N ALA A 173 4.28 -11.17 10.21
CA ALA A 173 4.31 -11.18 11.69
C ALA A 173 3.89 -12.50 12.30
N ARG A 174 2.93 -13.15 11.66
CA ARG A 174 2.53 -14.49 12.05
C ARG A 174 3.67 -15.47 11.86
N ALA A 175 4.39 -15.37 10.74
CA ALA A 175 5.52 -16.27 10.51
C ALA A 175 6.66 -15.99 11.49
N ALA A 176 6.95 -14.71 11.71
CA ALA A 176 7.96 -14.29 12.68
C ALA A 176 7.62 -14.77 14.08
N ARG A 177 6.33 -14.77 14.39
CA ARG A 177 5.81 -15.29 15.65
C ARG A 177 6.11 -16.78 15.81
N ASP A 178 5.74 -17.58 14.80
CA ASP A 178 5.94 -19.01 14.87
C ASP A 178 7.44 -19.31 15.00
N VAL A 179 8.26 -18.55 14.30
CA VAL A 179 9.70 -18.71 14.41
C VAL A 179 10.15 -18.39 15.83
N GLY A 180 9.63 -17.32 16.41
CA GLY A 180 10.04 -16.89 17.75
C GLY A 180 9.63 -17.84 18.86
N LEU A 181 8.37 -18.24 18.86
CA LEU A 181 7.86 -19.22 19.81
C LEU A 181 8.62 -20.55 19.74
N ALA A 182 9.02 -20.94 18.54
CA ALA A 182 9.83 -22.14 18.35
C ALA A 182 11.17 -22.06 19.07
N SER A 183 11.78 -20.87 19.10
CA SER A 183 13.07 -20.71 19.77
C SER A 183 12.95 -20.58 21.29
N GLY A 184 11.73 -20.69 21.80
CA GLY A 184 11.52 -20.64 23.24
C GLY A 184 10.91 -19.38 23.82
N GLU A 185 10.68 -18.37 22.99
CA GLU A 185 10.14 -17.10 23.48
C GLU A 185 8.73 -17.26 24.00
N PRO A 186 8.40 -16.55 25.09
CA PRO A 186 7.03 -16.66 25.55
C PRO A 186 6.11 -15.69 24.79
N ASP A 187 4.81 -15.93 24.93
CA ASP A 187 3.76 -15.02 24.52
C ASP A 187 3.83 -13.75 25.37
N VAL A 188 4.00 -12.58 24.76
CA VAL A 188 3.92 -11.34 25.53
C VAL A 188 2.61 -10.58 25.34
N ARG A 189 2.18 -10.45 24.08
CA ARG A 189 0.92 -9.78 23.78
C ARG A 189 0.25 -10.43 22.56
N GLY A 190 -0.98 -10.92 22.76
CA GLY A 190 -1.79 -11.48 21.69
C GLY A 190 -1.26 -12.74 21.02
N GLY A 191 -0.41 -13.49 21.70
CA GLY A 191 0.19 -14.66 21.08
C GLY A 191 1.56 -14.38 20.49
N PHE A 192 1.91 -13.11 20.34
CA PHE A 192 3.18 -12.71 19.74
C PHE A 192 4.28 -12.54 20.77
N PRO A 193 5.45 -13.13 20.50
CA PRO A 193 6.67 -12.97 21.31
C PRO A 193 7.39 -11.65 21.08
N PRO A 194 8.30 -11.27 21.99
CA PRO A 194 9.09 -10.04 21.93
C PRO A 194 9.86 -9.77 20.63
N SER A 195 10.42 -10.78 19.98
CA SER A 195 11.20 -10.57 18.74
C SER A 195 10.38 -9.96 17.58
N VAL A 196 9.11 -10.34 17.48
CA VAL A 196 8.27 -9.82 16.40
C VAL A 196 8.13 -8.29 16.57
N PHE A 197 7.80 -7.86 17.78
CA PHE A 197 7.61 -6.44 18.05
C PHE A 197 8.88 -5.64 17.76
N SER A 198 10.03 -6.08 18.25
CA SER A 198 11.28 -5.38 17.99
C SER A 198 11.66 -5.34 16.49
N SER A 199 11.24 -6.34 15.72
CA SER A 199 11.54 -6.39 14.29
C SER A 199 10.74 -5.40 13.41
N LEU A 200 9.54 -5.01 13.83
CA LEU A 200 8.71 -4.11 13.03
C LEU A 200 9.35 -2.75 12.68
N PRO A 201 9.80 -1.99 13.70
CA PRO A 201 10.45 -0.71 13.41
C PRO A 201 11.72 -0.90 12.61
N LYS A 202 12.47 -1.96 12.89
CA LYS A 202 13.68 -2.25 12.13
C LYS A 202 13.41 -2.48 10.65
N LEU A 203 12.32 -3.21 10.35
CA LEU A 203 11.90 -3.40 8.96
C LEU A 203 11.47 -2.09 8.30
N LEU A 204 10.60 -1.36 8.98
CA LEU A 204 10.04 -0.12 8.44
C LEU A 204 11.00 1.06 8.45
N GLU A 205 11.98 1.06 9.35
CA GLU A 205 12.93 2.17 9.35
CA GLU A 205 13.05 2.09 9.41
C GLU A 205 13.83 2.13 8.11
N ARG A 206 13.84 1.01 7.41
CA ARG A 206 14.67 0.83 6.20
C ARG A 206 14.15 1.42 4.90
N ALA A 207 12.87 1.77 4.86
CA ALA A 207 12.35 2.54 3.74
C ALA A 207 12.60 4.00 4.02
N GLY A 208 12.65 4.81 2.97
CA GLY A 208 12.74 6.25 3.12
C GLY A 208 13.43 6.95 1.96
N PRO A 209 13.37 8.30 1.95
CA PRO A 209 14.09 9.05 0.93
C PRO A 209 15.62 8.89 1.08
N ALA A 210 16.37 9.19 0.04
CA ALA A 210 17.81 8.98 0.06
C ALA A 210 18.55 9.88 -0.92
N PRO A 211 19.85 10.12 -0.67
CA PRO A 211 20.64 10.91 -1.64
C PRO A 211 20.58 10.27 -3.01
N LYS A 212 20.97 9.00 -3.10
CA LYS A 212 20.75 8.22 -4.30
C LYS A 212 19.46 7.43 -4.18
N GLY A 213 18.48 7.79 -5.00
CA GLY A 213 17.23 7.03 -5.07
C GLY A 213 16.33 7.17 -3.86
N SER A 214 15.35 6.28 -3.75
CA SER A 214 14.42 6.27 -2.64
C SER A 214 13.71 4.94 -2.56
N ILE A 215 13.20 4.61 -1.38
CA ILE A 215 12.26 3.52 -1.22
C ILE A 215 11.00 4.09 -0.61
N THR A 216 9.91 4.03 -1.36
CA THR A 216 8.61 4.34 -0.83
C THR A 216 8.00 2.97 -0.56
N ALA A 217 7.39 2.79 0.59
CA ALA A 217 6.90 1.46 0.97
C ALA A 217 5.43 1.46 1.36
N ILE A 218 4.75 0.38 0.94
CA ILE A 218 3.35 0.13 1.24
C ILE A 218 3.26 -1.23 1.92
N TYR A 219 2.68 -1.26 3.10
CA TYR A 219 2.53 -2.50 3.89
C TYR A 219 1.05 -2.73 4.15
N THR A 220 0.57 -3.94 3.91
CA THR A 220 -0.83 -4.21 4.14
C THR A 220 -1.08 -4.88 5.47
N VAL A 221 -2.21 -4.53 6.09
CA VAL A 221 -2.58 -5.05 7.37
C VAL A 221 -3.93 -5.66 7.11
N LEU A 222 -4.03 -6.96 7.37
CA LEU A 222 -5.24 -7.70 7.12
C LEU A 222 -6.10 -7.59 8.35
N LEU A 223 -7.35 -7.16 8.16
CA LEU A 223 -8.29 -7.05 9.26
C LEU A 223 -9.11 -8.33 9.30
N GLU A 224 -9.27 -8.89 10.48
CA GLU A 224 -10.11 -10.07 10.65
C GLU A 224 -11.55 -9.65 10.98
N SER A 225 -12.52 -10.45 10.54
CA SER A 225 -13.93 -10.17 10.80
C SER A 225 -14.32 -10.72 12.17
N ASP A 226 -13.58 -10.27 13.18
CA ASP A 226 -13.87 -10.56 14.57
C ASP A 226 -13.51 -9.29 15.37
N ASN A 227 -13.70 -9.30 16.68
CA ASN A 227 -13.35 -8.13 17.47
C ASN A 227 -12.14 -8.39 18.37
N VAL A 228 -11.22 -9.22 17.87
CA VAL A 228 -10.00 -9.59 18.56
C VAL A 228 -8.92 -8.54 18.25
N ASN A 229 -8.26 -8.04 19.29
CA ASN A 229 -7.19 -7.06 19.12
C ASN A 229 -6.05 -7.61 18.27
N ASP A 230 -5.47 -6.74 17.43
CA ASP A 230 -4.28 -7.09 16.67
C ASP A 230 -3.15 -6.17 17.12
N PRO A 231 -2.29 -6.65 18.03
CA PRO A 231 -1.22 -5.78 18.49
C PRO A 231 -0.18 -5.46 17.41
N ILE A 232 -0.16 -6.21 16.32
CA ILE A 232 0.75 -5.87 15.22
C ILE A 232 0.24 -4.65 14.45
N GLY A 233 -1.04 -4.67 14.10
CA GLY A 233 -1.72 -3.51 13.52
C GLY A 233 -1.57 -2.27 14.38
N ASP A 234 -1.69 -2.43 15.69
CA ASP A 234 -1.49 -1.30 16.60
C ASP A 234 -0.13 -0.66 16.40
N GLU A 235 0.92 -1.46 16.49
CA GLU A 235 2.29 -0.94 16.33
C GLU A 235 2.51 -0.29 14.98
N VAL A 236 2.01 -0.90 13.93
CA VAL A 236 2.16 -0.33 12.60
C VAL A 236 1.46 1.04 12.47
N ARG A 237 0.26 1.15 13.01
CA ARG A 237 -0.48 2.41 13.00
C ARG A 237 0.35 3.57 13.57
N SER A 238 1.05 3.30 14.66
CA SER A 238 1.86 4.31 15.33
C SER A 238 3.13 4.68 14.54
N ILE A 239 3.61 3.76 13.70
CA ILE A 239 4.81 4.03 12.91
C ILE A 239 4.53 4.67 11.56
N LEU A 240 3.42 4.34 10.91
CA LEU A 240 3.21 4.80 9.52
C LEU A 240 3.06 6.31 9.30
N ASP A 241 3.47 6.76 8.13
CA ASP A 241 3.29 8.14 7.71
C ASP A 241 1.98 8.31 6.94
N GLY A 242 1.25 7.21 6.75
CA GLY A 242 -0.03 7.27 6.06
C GLY A 242 -0.81 5.98 6.19
N HIS A 243 -2.13 6.08 6.19
CA HIS A 243 -2.93 4.87 6.20
C HIS A 243 -4.14 4.95 5.27
N ILE A 244 -4.38 3.87 4.56
CA ILE A 244 -5.50 3.76 3.66
C ILE A 244 -6.41 2.65 4.15
N VAL A 245 -7.66 3.00 4.45
CA VAL A 245 -8.60 2.05 4.99
C VAL A 245 -9.68 1.63 4.00
N LEU A 246 -9.73 0.34 3.70
CA LEU A 246 -10.81 -0.19 2.87
C LEU A 246 -11.88 -0.82 3.76
N THR A 247 -13.15 -0.61 3.40
CA THR A 247 -14.24 -1.12 4.21
C THR A 247 -15.22 -1.99 3.44
N ARG A 248 -15.76 -2.97 4.15
CA ARG A 248 -16.79 -3.84 3.62
C ARG A 248 -18.04 -3.06 3.24
N GLU A 249 -18.35 -2.00 3.97
CA GLU A 249 -19.50 -1.16 3.63
C GLU A 249 -19.40 -0.56 2.23
N LEU A 250 -18.24 -0.06 1.85
CA LEU A 250 -18.10 0.48 0.50
C LEU A 250 -18.04 -0.62 -0.55
N ALA A 251 -17.31 -1.70 -0.25
CA ALA A 251 -17.14 -2.78 -1.19
C ALA A 251 -18.49 -3.45 -1.48
N GLU A 252 -19.37 -3.47 -0.48
CA GLU A 252 -20.72 -3.99 -0.67
C GLU A 252 -21.58 -3.10 -1.60
N GLU A 253 -21.21 -1.83 -1.70
CA GLU A 253 -21.85 -0.90 -2.63
CA GLU A 253 -21.85 -0.92 -2.64
C GLU A 253 -21.23 -1.04 -4.02
N ASN A 254 -20.29 -1.96 -4.18
CA ASN A 254 -19.55 -2.05 -5.43
C ASN A 254 -18.81 -0.74 -5.74
N HIS A 255 -18.53 -0.02 -4.66
CA HIS A 255 -17.73 1.19 -4.72
C HIS A 255 -16.25 0.81 -4.59
N PHE A 256 -15.53 0.88 -5.71
CA PHE A 256 -14.12 0.49 -5.77
C PHE A 256 -13.27 1.56 -6.42
N PRO A 257 -12.05 1.79 -5.88
CA PRO A 257 -11.51 1.18 -4.66
C PRO A 257 -12.35 1.55 -3.43
N ALA A 258 -12.46 0.62 -2.50
CA ALA A 258 -13.37 0.76 -1.36
C ALA A 258 -12.78 1.60 -0.23
N ILE A 259 -12.12 2.70 -0.59
CA ILE A 259 -11.41 3.52 0.37
C ILE A 259 -12.36 4.42 1.16
N ASP A 260 -12.38 4.28 2.49
CA ASP A 260 -13.12 5.21 3.31
C ASP A 260 -12.21 6.40 3.54
N ILE A 261 -12.54 7.51 2.91
CA ILE A 261 -11.71 8.69 2.96
C ILE A 261 -11.62 9.27 4.39
N GLY A 262 -12.72 9.22 5.13
CA GLY A 262 -12.74 9.75 6.50
C GLY A 262 -11.89 8.92 7.45
N LEU A 263 -11.74 7.65 7.13
CA LEU A 263 -10.93 6.76 7.95
C LEU A 263 -9.46 6.71 7.52
N SER A 264 -9.13 7.33 6.38
CA SER A 264 -7.77 7.31 5.84
C SER A 264 -7.07 8.64 6.09
N ALA A 265 -5.74 8.67 5.93
CA ALA A 265 -5.00 9.92 6.08
C ALA A 265 -3.59 9.85 5.51
N SER A 266 -3.05 11.00 5.14
CA SER A 266 -1.65 11.12 4.75
C SER A 266 -1.00 12.22 5.59
N ARG A 267 0.03 11.86 6.37
CA ARG A 267 0.71 12.83 7.23
C ARG A 267 1.67 13.71 6.42
N VAL A 268 1.91 13.34 5.17
CA VAL A 268 2.87 14.08 4.39
C VAL A 268 2.23 14.92 3.29
N MET A 269 0.93 14.72 3.04
CA MET A 269 0.22 15.36 1.92
C MET A 269 0.38 16.87 1.86
N HIS A 270 0.19 17.53 3.00
CA HIS A 270 0.27 18.99 3.07
C HIS A 270 1.68 19.49 2.73
N ASN A 271 2.68 18.62 2.94
CA ASN A 271 4.06 18.97 2.62
C ASN A 271 4.39 18.73 1.15
N VAL A 272 3.48 18.14 0.38
CA VAL A 272 3.82 17.70 -0.98
C VAL A 272 2.86 18.16 -2.08
N VAL A 273 1.76 18.80 -1.71
CA VAL A 273 0.84 19.34 -2.70
C VAL A 273 0.76 20.85 -2.58
N THR A 274 0.22 21.52 -3.59
CA THR A 274 0.02 22.96 -3.51
C THR A 274 -1.10 23.26 -2.52
N SER A 275 -0.97 24.41 -1.85
CA SER A 275 -1.98 24.89 -0.92
C SER A 275 -3.40 24.85 -1.53
N GLU A 276 -3.52 25.16 -2.81
CA GLU A 276 -4.81 25.13 -3.51
CA GLU A 276 -4.85 25.13 -3.43
C GLU A 276 -5.33 23.70 -3.64
N HIS A 277 -4.42 22.78 -3.96
CA HIS A 277 -4.77 21.34 -4.05
C HIS A 277 -5.23 20.84 -2.67
N LEU A 278 -4.48 21.16 -1.62
CA LEU A 278 -4.92 20.83 -0.25
C LEU A 278 -6.31 21.38 0.06
N ARG A 279 -6.62 22.57 -0.47
CA ARG A 279 -7.90 23.25 -0.23
CA ARG A 279 -7.91 23.23 -0.20
C ARG A 279 -9.07 22.51 -0.87
N ALA A 280 -8.90 22.16 -2.14
CA ALA A 280 -9.89 21.43 -2.90
C ALA A 280 -10.10 20.01 -2.36
N ALA A 281 -9.02 19.40 -1.86
CA ALA A 281 -9.12 18.07 -1.25
C ALA A 281 -10.00 18.11 0.00
N ALA A 282 -9.74 19.07 0.88
CA ALA A 282 -10.55 19.23 2.09
C ALA A 282 -12.02 19.49 1.77
N GLU A 283 -12.30 20.26 0.71
CA GLU A 283 -13.70 20.51 0.39
C GLU A 283 -14.31 19.28 -0.24
N CYS A 284 -13.52 18.54 -1.01
CA CYS A 284 -14.00 17.27 -1.55
C CYS A 284 -14.39 16.32 -0.42
N LYS A 285 -13.52 16.22 0.59
CA LYS A 285 -13.76 15.37 1.74
C LYS A 285 -15.04 15.74 2.49
N LYS A 286 -15.25 17.03 2.69
CA LYS A 286 -16.49 17.49 3.32
C LYS A 286 -17.72 17.11 2.47
N LEU A 287 -17.69 17.39 1.18
CA LEU A 287 -18.80 17.03 0.30
C LEU A 287 -19.10 15.52 0.24
N ILE A 288 -18.06 14.69 0.39
CA ILE A 288 -18.25 13.25 0.58
C ILE A 288 -18.94 12.91 1.93
N ALA A 289 -18.46 13.52 3.01
CA ALA A 289 -18.96 13.24 4.35
C ALA A 289 -20.37 13.78 4.63
N THR A 290 -20.80 14.80 3.88
CA THR A 290 -22.07 15.45 4.17
C THR A 290 -23.17 15.13 3.16
N TYR A 291 -22.88 14.25 2.21
CA TYR A 291 -23.91 13.77 1.28
C TYR A 291 -24.93 12.87 1.97
N LYS A 292 -26.20 13.12 1.72
CA LYS A 292 -27.28 12.27 2.20
C LYS A 292 -28.28 12.05 1.06
N ASN A 293 -28.69 10.81 0.87
CA ASN A 293 -29.65 10.42 -0.16
C ASN A 293 -30.87 11.36 -0.20
N PRO A 294 -31.10 12.04 -1.35
CA PRO A 294 -32.20 13.02 -1.48
C PRO A 294 -33.58 12.40 -1.27
N GLU A 295 -33.67 11.08 -1.48
CA GLU A 295 -34.91 10.33 -1.25
C GLU A 295 -35.38 10.45 0.22
N LEU A 296 -34.45 10.72 1.13
CA LEU A 296 -34.75 10.83 2.56
C LEU A 296 -35.56 12.08 2.90
N LEU A 297 -35.50 13.08 2.03
CA LEU A 297 -36.25 14.32 2.20
C LEU A 297 -37.48 14.33 1.30
N ILE A 298 -37.33 13.89 0.06
CA ILE A 298 -38.49 13.77 -0.85
C ILE A 298 -39.55 12.92 -0.17
N ARG A 299 -39.10 11.81 0.42
CA ARG A 299 -39.96 10.84 1.10
C ARG A 299 -40.77 11.45 2.25
N ILE A 300 -40.35 12.63 2.73
CA ILE A 300 -41.07 13.31 3.82
C ILE A 300 -41.73 14.65 3.44
N GLY A 301 -41.77 14.95 2.15
CA GLY A 301 -42.46 16.16 1.70
C GLY A 301 -41.56 17.07 0.92
N GLU A 302 -40.49 16.46 0.39
CA GLU A 302 -39.45 17.09 -0.44
C GLU A 302 -38.94 18.44 0.07
N TYR A 303 -38.70 19.35 -0.87
CA TYR A 303 -38.10 20.64 -0.55
C TYR A 303 -38.46 21.69 -1.61
N MET A 305 -33.63 25.85 1.04
CA MET A 305 -33.45 24.42 0.81
C MET A 305 -33.17 23.69 2.10
N GLY A 306 -32.51 24.36 3.03
CA GLY A 306 -32.44 25.81 3.02
C GLY A 306 -31.40 26.34 2.06
N GLN A 307 -30.83 27.50 2.39
CA GLN A 307 -30.36 27.76 3.75
C GLN A 307 -29.26 26.78 4.14
N ASP A 308 -29.32 25.57 3.62
CA ASP A 308 -28.21 24.63 3.69
C ASP A 308 -27.44 24.60 2.38
N PRO A 309 -26.27 25.22 2.38
CA PRO A 309 -25.51 25.43 1.15
C PRO A 309 -24.54 24.29 0.83
N GLU A 310 -23.84 23.81 1.86
CA GLU A 310 -22.84 22.75 1.73
C GLU A 310 -23.45 21.44 1.25
N ALA A 311 -24.52 21.02 1.93
CA ALA A 311 -25.18 19.75 1.62
C ALA A 311 -25.91 19.78 0.28
N ASP A 312 -26.18 20.99 -0.23
CA ASP A 312 -26.76 21.18 -1.55
C ASP A 312 -25.75 20.88 -2.66
N LYS A 313 -24.53 21.39 -2.47
CA LYS A 313 -23.44 21.15 -3.41
C LYS A 313 -23.18 19.65 -3.52
N ALA A 314 -23.18 18.98 -2.36
CA ALA A 314 -22.93 17.54 -2.28
C ALA A 314 -23.84 16.73 -3.22
N ILE A 315 -25.11 17.15 -3.33
CA ILE A 315 -26.09 16.48 -4.19
C ILE A 315 -25.78 16.78 -5.65
N LYS A 316 -25.58 18.07 -5.92
CA LYS A 316 -25.18 18.58 -7.22
C LYS A 316 -23.92 17.87 -7.73
N ASN A 317 -22.97 17.62 -6.83
CA ASN A 317 -21.67 17.10 -7.24
C ASN A 317 -21.51 15.59 -7.13
N ARG A 318 -22.55 14.92 -6.61
CA ARG A 318 -22.50 13.49 -6.31
C ARG A 318 -21.89 12.66 -7.43
N LYS A 319 -22.44 12.77 -8.64
CA LYS A 319 -21.94 11.99 -9.78
C LYS A 319 -20.46 12.23 -10.05
N LEU A 320 -20.07 13.52 -10.08
CA LEU A 320 -18.68 13.93 -10.35
C LEU A 320 -17.71 13.38 -9.30
N ILE A 321 -18.11 13.52 -8.04
CA ILE A 321 -17.35 13.04 -6.90
C ILE A 321 -17.18 11.51 -6.91
N GLN A 322 -18.28 10.80 -7.11
CA GLN A 322 -18.28 9.34 -7.14
C GLN A 322 -17.51 8.77 -8.33
N ASN A 323 -17.56 9.47 -9.46
CA ASN A 323 -16.82 9.07 -10.66
C ASN A 323 -15.34 9.41 -10.52
N PHE A 324 -15.01 10.38 -9.67
CA PHE A 324 -13.63 10.70 -9.33
C PHE A 324 -13.02 9.66 -8.37
N ILE A 325 -13.65 9.44 -7.21
CA ILE A 325 -13.08 8.50 -6.23
C ILE A 325 -13.18 7.02 -6.62
N GLN A 326 -14.29 6.63 -7.23
CA GLN A 326 -14.40 5.30 -7.82
C GLN A 326 -13.56 5.23 -9.10
N GLN A 327 -12.95 4.08 -9.37
CA GLN A 327 -12.00 3.96 -10.46
C GLN A 327 -11.78 2.51 -10.84
N SER A 328 -12.09 2.14 -12.07
CA SER A 328 -11.93 0.75 -12.49
C SER A 328 -10.49 0.38 -12.81
N THR A 329 -10.23 -0.92 -12.83
CA THR A 329 -8.88 -1.48 -12.89
C THR A 329 -8.05 -1.01 -14.09
N LYS A 330 -8.71 -0.70 -15.21
CA LYS A 330 -7.99 -0.24 -16.39
C LYS A 330 -8.52 1.15 -16.76
N ASP A 331 -8.39 2.09 -15.82
CA ASP A 331 -8.90 3.46 -16.00
C ASP A 331 -7.77 4.52 -16.11
N ILE A 332 -6.55 4.16 -15.71
CA ILE A 332 -5.36 5.00 -15.92
C ILE A 332 -5.56 6.52 -15.68
N SER A 333 -4.77 7.09 -14.75
CA SER A 333 -4.90 8.54 -14.43
C SER A 333 -3.60 9.25 -14.03
N SER A 334 -3.12 10.10 -14.93
CA SER A 334 -1.93 10.89 -14.67
C SER A 334 -2.20 11.85 -13.51
N TYR A 335 -1.13 12.36 -12.91
CA TYR A 335 -1.26 13.29 -11.81
C TYR A 335 -1.90 14.60 -12.27
N GLU A 336 -1.58 15.03 -13.49
CA GLU A 336 -2.21 16.23 -14.05
C GLU A 336 -3.72 16.07 -14.15
N LYS A 337 -4.17 14.96 -14.70
CA LYS A 337 -5.60 14.77 -14.91
C LYS A 337 -6.36 14.58 -13.60
N THR A 338 -5.73 13.88 -12.65
CA THR A 338 -6.31 13.72 -11.31
C THR A 338 -6.57 15.06 -10.67
N ILE A 339 -5.57 15.94 -10.67
CA ILE A 339 -5.71 17.26 -10.07
C ILE A 339 -6.73 18.16 -10.77
N GLU A 340 -6.73 18.13 -12.10
CA GLU A 340 -7.72 18.88 -12.86
C GLU A 340 -9.11 18.39 -12.56
N SER A 341 -9.28 17.05 -12.54
CA SER A 341 -10.55 16.44 -12.20
C SER A 341 -11.04 16.82 -10.78
N LEU A 342 -10.11 16.89 -9.82
CA LEU A 342 -10.42 17.24 -8.44
C LEU A 342 -11.01 18.65 -8.29
N PHE A 343 -10.45 19.61 -9.03
CA PHE A 343 -10.96 20.97 -9.00
C PHE A 343 -12.36 21.04 -9.61
N LYS A 344 -12.55 20.29 -10.69
CA LYS A 344 -13.87 20.12 -11.28
C LYS A 344 -14.92 19.64 -10.27
N VAL A 345 -14.63 18.57 -9.53
CA VAL A 345 -15.62 17.98 -8.60
C VAL A 345 -16.05 18.89 -7.44
N VAL A 346 -15.24 19.88 -7.09
CA VAL A 346 -15.60 20.78 -5.98
C VAL A 346 -16.04 22.16 -6.46
N ALA A 347 -16.31 22.28 -7.75
CA ALA A 347 -16.92 23.50 -8.28
C ALA A 347 -18.43 23.31 -8.28
#